data_2CHU
#
_entry.id   2CHU
#
_cell.length_a   73.072
_cell.length_b   42.445
_cell.length_c   57.523
_cell.angle_alpha   91.29
_cell.angle_beta   97.06
_cell.angle_gamma   107.34
#
_symmetry.space_group_name_H-M   'P 1'
#
loop_
_entity.id
_entity.type
_entity.pdbx_description
1 polymer 'ENTEROCHELIN UPTAKE PERIPLASMIC BINDING PROTEIN'
2 non-polymer 'ZINC ION'
3 non-polymer "N,N',N''-[BENZENE-1,3,5-TRIYLTRIS(METHYLENE)]TRIS(2,3-DIHYDROXYBENZAMIDE)"
4 non-polymer 'FE (III) ION'
5 water water
#
_entity_poly.entity_id   1
_entity_poly.type   'polypeptide(L)'
_entity_poly.pdbx_seq_one_letter_code
;KTNTATVKVLPISMSDEGDSFLVKDSLGENKIPKNPSKVVILDLGILDTFDALKLNDKVVGVPAKNLPKYLQQFKNKPSV
GGVQQVDFEAINALKPDLIIISGRQSKFYDKLKEIAPTLFVGLDNANFLSSFENNVLSVAKLYGLEKEALEKISDIKNEI
EKAKSIVDEDKKALIILTNSNKISAFGPQSRFGIIHDVLGINAVDENIKVGTHGKSINSEFILEKNPDYIFVVDRNVILG
NKERAQGILDNALVAKTKAAQNKKIIYLDPEYWYLASGNGLESLKTMILEIKNAVK
;
_entity_poly.pdbx_strand_id   A,B
#
loop_
_chem_comp.id
_chem_comp.type
_chem_comp.name
_chem_comp.formula
ECA non-polymer N,N',N''-[BENZENE-1,3,5-TRIYLTRIS(METHYLENE)]TRIS(2,3-DIHYDROXYBENZAMIDE) 'C30 H27 N3 O9'
FE non-polymer 'FE (III) ION' 'Fe 3'
ZN non-polymer 'ZINC ION' 'Zn 2'
#
# COMPACT_ATOMS: atom_id res chain seq x y z
N LEU A 10 17.32 -8.61 -11.29
CA LEU A 10 16.58 -7.44 -11.72
C LEU A 10 16.70 -7.22 -13.23
N PRO A 11 17.92 -6.99 -13.69
CA PRO A 11 18.14 -6.47 -15.04
C PRO A 11 17.55 -7.37 -16.12
N ILE A 12 17.33 -6.82 -17.30
CA ILE A 12 16.64 -7.54 -18.37
C ILE A 12 17.63 -8.16 -19.34
N SER A 13 17.54 -9.48 -19.52
CA SER A 13 18.39 -10.20 -20.44
C SER A 13 17.50 -10.90 -21.49
N MET A 14 17.99 -10.94 -22.72
CA MET A 14 17.23 -11.54 -23.83
C MET A 14 18.18 -12.44 -24.63
N SER A 15 17.72 -13.65 -24.93
CA SER A 15 18.39 -14.57 -25.84
C SER A 15 17.52 -14.85 -27.05
N ASP A 16 18.08 -14.50 -28.20
CA ASP A 16 17.43 -14.76 -29.48
C ASP A 16 17.35 -16.29 -29.77
N GLU A 17 16.16 -16.85 -29.53
CA GLU A 17 15.77 -18.14 -30.09
C GLU A 17 15.74 -17.87 -31.60
N GLY A 18 14.59 -17.76 -32.26
CA GLY A 18 14.61 -17.43 -33.68
C GLY A 18 13.49 -16.55 -34.17
N ASP A 19 12.27 -17.05 -34.07
CA ASP A 19 11.02 -16.28 -34.27
C ASP A 19 10.69 -15.29 -33.10
N SER A 20 11.60 -15.18 -32.11
CA SER A 20 11.24 -14.82 -30.75
C SER A 20 12.44 -14.63 -29.84
N PHE A 21 12.21 -13.97 -28.70
CA PHE A 21 13.22 -13.83 -27.67
C PHE A 21 12.78 -14.55 -26.43
N LEU A 22 13.80 -14.98 -25.66
CA LEU A 22 13.61 -15.56 -24.34
C LEU A 22 14.11 -14.53 -23.37
N VAL A 23 13.18 -13.91 -22.64
CA VAL A 23 13.47 -12.71 -21.88
C VAL A 23 13.30 -13.01 -20.40
N LYS A 24 14.34 -12.74 -19.62
CA LYS A 24 14.30 -12.88 -18.17
C LYS A 24 14.33 -11.49 -17.55
N ASP A 25 13.40 -11.24 -16.61
CA ASP A 25 13.37 -9.99 -15.81
C ASP A 25 13.29 -10.33 -14.31
N SER A 26 13.01 -9.33 -13.46
CA SER A 26 12.86 -9.53 -11.99
C SER A 26 11.80 -10.56 -11.65
N LEU A 27 10.70 -10.61 -12.41
CA LEU A 27 9.56 -11.47 -12.03
C LEU A 27 9.56 -12.87 -12.63
N GLY A 28 10.30 -13.09 -13.71
CA GLY A 28 10.25 -14.37 -14.41
C GLY A 28 10.70 -14.28 -15.86
N GLU A 29 10.43 -15.35 -16.60
CA GLU A 29 10.89 -15.53 -17.98
C GLU A 29 9.70 -15.78 -18.91
N ASN A 30 9.73 -15.19 -20.12
CA ASN A 30 8.66 -15.35 -21.10
C ASN A 30 9.20 -15.57 -22.51
N LYS A 31 8.43 -16.32 -23.30
CA LYS A 31 8.58 -16.38 -24.74
C LYS A 31 7.70 -15.28 -25.39
N ILE A 32 8.40 -14.19 -25.71
CA ILE A 32 7.87 -13.03 -26.44
C ILE A 32 8.37 -13.08 -27.87
N PRO A 33 7.46 -12.98 -28.85
CA PRO A 33 7.90 -12.92 -30.24
C PRO A 33 8.59 -11.61 -30.66
N LYS A 34 9.34 -11.71 -31.76
CA LYS A 34 9.90 -10.56 -32.44
C LYS A 34 8.72 -9.79 -33.00
N ASN A 35 8.80 -8.46 -32.95
CA ASN A 35 7.77 -7.56 -33.48
C ASN A 35 6.33 -7.91 -33.07
N PRO A 36 6.05 -7.89 -31.76
CA PRO A 36 4.70 -8.13 -31.27
C PRO A 36 3.74 -7.06 -31.80
N SER A 37 2.57 -7.44 -32.31
CA SER A 37 1.69 -6.46 -32.94
C SER A 37 0.49 -6.07 -32.12
N LYS A 38 0.17 -6.82 -31.06
CA LYS A 38 -0.89 -6.40 -30.14
C LYS A 38 -0.35 -6.25 -28.72
N VAL A 39 0.04 -5.04 -28.34
CA VAL A 39 0.61 -4.80 -27.02
C VAL A 39 -0.33 -4.01 -26.08
N VAL A 40 -0.59 -4.60 -24.91
CA VAL A 40 -1.19 -3.90 -23.77
C VAL A 40 -0.08 -3.33 -22.85
N ILE A 41 -0.16 -2.03 -22.60
CA ILE A 41 0.85 -1.31 -21.84
C ILE A 41 0.18 -0.61 -20.68
N LEU A 42 0.74 -0.87 -19.52
CA LEU A 42 0.24 -0.40 -18.27
C LEU A 42 1.22 0.56 -17.56
N ASP A 43 2.48 0.53 -17.95
CA ASP A 43 3.41 1.58 -17.59
C ASP A 43 3.35 2.76 -18.61
N LEU A 44 3.10 3.96 -18.12
CA LEU A 44 2.96 5.17 -18.94
C LEU A 44 4.25 5.71 -19.54
N GLY A 45 5.38 5.50 -18.86
CA GLY A 45 6.66 5.85 -19.40
C GLY A 45 7.05 5.04 -20.63
N ILE A 46 6.80 3.75 -20.57
CA ILE A 46 7.05 2.87 -21.71
C ILE A 46 6.07 3.16 -22.87
N LEU A 47 4.92 3.71 -22.56
CA LEU A 47 4.02 4.15 -23.59
C LEU A 47 4.49 5.38 -24.30
N ASP A 48 5.19 6.27 -23.63
CA ASP A 48 5.84 7.34 -24.31
C ASP A 48 7.08 6.93 -25.09
N THR A 49 7.57 5.75 -24.80
CA THR A 49 8.69 5.22 -25.49
C THR A 49 8.30 4.51 -26.76
N PHE A 50 7.15 3.88 -26.74
CA PHE A 50 6.42 3.46 -27.95
C PHE A 50 6.12 4.59 -28.92
N ASP A 51 5.73 5.75 -28.39
CA ASP A 51 5.49 6.92 -29.24
C ASP A 51 6.81 7.47 -29.86
N ALA A 52 7.87 7.61 -29.05
CA ALA A 52 9.20 8.07 -29.50
C ALA A 52 9.79 7.26 -30.64
N LEU A 53 9.62 5.94 -30.58
CA LEU A 53 10.12 5.01 -31.59
C LEU A 53 9.06 4.75 -32.66
N LYS A 54 7.93 5.45 -32.59
CA LYS A 54 6.95 5.47 -33.67
C LYS A 54 6.14 4.17 -33.79
N LEU A 55 5.81 3.54 -32.65
CA LEU A 55 5.13 2.20 -32.57
C LEU A 55 3.68 2.28 -32.07
N ASN A 56 3.06 3.42 -32.27
CA ASN A 56 1.71 3.66 -31.83
C ASN A 56 0.74 2.56 -32.31
N ASP A 57 0.87 2.12 -33.56
CA ASP A 57 -0.08 1.15 -34.10
C ASP A 57 0.03 -0.25 -33.50
N LYS A 58 1.19 -0.57 -32.91
CA LYS A 58 1.44 -1.82 -32.12
C LYS A 58 0.73 -1.88 -30.77
N VAL A 59 0.23 -0.72 -30.30
CA VAL A 59 -0.44 -0.62 -28.99
C VAL A 59 -1.96 -0.83 -29.13
N VAL A 60 -2.45 -1.92 -28.56
CA VAL A 60 -3.88 -2.21 -28.58
C VAL A 60 -4.64 -1.79 -27.33
N GLY A 61 -3.98 -1.54 -26.19
CA GLY A 61 -4.73 -1.09 -25.02
C GLY A 61 -3.90 -0.30 -24.05
N VAL A 62 -4.49 0.72 -23.44
CA VAL A 62 -3.79 1.63 -22.52
C VAL A 62 -4.68 1.82 -21.30
N PRO A 63 -4.10 2.25 -20.15
CA PRO A 63 -4.91 2.54 -18.96
C PRO A 63 -5.45 3.98 -19.01
N ALA A 64 -6.60 4.14 -19.67
CA ALA A 64 -7.10 5.42 -20.09
C ALA A 64 -7.64 6.31 -18.93
N LYS A 65 -7.89 5.70 -17.78
CA LYS A 65 -8.39 6.42 -16.60
C LYS A 65 -7.37 7.46 -16.13
N ASN A 66 -6.11 7.04 -16.01
CA ASN A 66 -5.02 7.95 -15.64
C ASN A 66 -4.15 8.37 -16.85
N LEU A 67 -4.75 8.78 -17.98
CA LEU A 67 -3.90 9.07 -19.17
C LEU A 67 -3.51 10.57 -19.19
N PRO A 68 -2.20 10.86 -19.09
CA PRO A 68 -1.72 12.23 -19.00
C PRO A 68 -1.93 13.08 -20.27
N LYS A 69 -1.80 14.39 -20.11
CA LYS A 69 -2.00 15.35 -21.18
C LYS A 69 -1.05 15.11 -22.33
N TYR A 70 0.18 14.73 -22.01
CA TYR A 70 1.22 14.58 -23.02
C TYR A 70 1.14 13.26 -23.78
N LEU A 71 0.19 12.40 -23.42
CA LEU A 71 -0.07 11.12 -24.12
C LEU A 71 -1.52 10.98 -24.66
N GLN A 72 -2.14 12.12 -24.96
CA GLN A 72 -3.52 12.13 -25.39
C GLN A 72 -3.70 11.68 -26.84
N GLN A 73 -2.60 11.47 -27.58
CA GLN A 73 -2.68 10.77 -28.86
C GLN A 73 -3.13 9.29 -28.71
N PHE A 74 -3.21 8.81 -27.47
CA PHE A 74 -3.64 7.46 -27.17
C PHE A 74 -5.06 7.42 -26.56
N LYS A 75 -5.71 8.58 -26.45
CA LYS A 75 -7.06 8.66 -25.84
C LYS A 75 -8.13 7.77 -26.45
N ASN A 76 -7.95 7.29 -27.68
CA ASN A 76 -8.92 6.42 -28.27
C ASN A 76 -8.45 4.99 -28.48
N LYS A 77 -7.41 4.57 -27.75
CA LYS A 77 -7.08 3.14 -27.63
C LYS A 77 -8.08 2.51 -26.67
N PRO A 78 -8.42 1.22 -26.87
CA PRO A 78 -9.27 0.61 -25.84
C PRO A 78 -8.64 0.71 -24.46
N SER A 79 -9.45 1.03 -23.45
CA SER A 79 -8.98 1.10 -22.07
C SER A 79 -8.96 -0.25 -21.36
N VAL A 80 -7.84 -0.57 -20.73
CA VAL A 80 -7.72 -1.75 -19.87
C VAL A 80 -7.62 -1.34 -18.38
N GLY A 81 -8.07 -0.12 -18.08
CA GLY A 81 -8.18 0.34 -16.70
C GLY A 81 -7.50 1.67 -16.40
N GLY A 82 -6.98 1.78 -15.17
CA GLY A 82 -6.08 2.84 -14.70
C GLY A 82 -4.95 2.16 -13.94
N VAL A 83 -4.03 2.90 -13.33
CA VAL A 83 -2.79 2.23 -12.84
C VAL A 83 -2.96 1.32 -11.61
N GLN A 84 -3.81 1.74 -10.68
CA GLN A 84 -4.17 0.84 -9.60
C GLN A 84 -5.01 -0.38 -10.05
N GLN A 85 -6.26 -0.18 -10.46
CA GLN A 85 -7.13 -1.31 -10.79
C GLN A 85 -7.06 -1.56 -12.29
N VAL A 86 -6.77 -2.80 -12.64
CA VAL A 86 -6.66 -3.36 -13.98
C VAL A 86 -7.93 -4.18 -14.36
N ASP A 87 -8.41 -3.97 -15.59
CA ASP A 87 -9.60 -4.67 -16.15
C ASP A 87 -9.18 -5.93 -16.93
N PHE A 88 -9.15 -7.06 -16.23
CA PHE A 88 -8.72 -8.32 -16.83
C PHE A 88 -9.56 -8.80 -18.02
N GLU A 89 -10.82 -8.40 -18.02
CA GLU A 89 -11.81 -8.83 -18.98
C GLU A 89 -11.71 -7.98 -20.24
N ALA A 90 -11.05 -6.82 -20.15
CA ALA A 90 -10.76 -5.97 -21.30
C ALA A 90 -9.46 -6.41 -21.94
N ILE A 91 -8.41 -6.54 -21.12
CA ILE A 91 -7.10 -7.11 -21.53
C ILE A 91 -7.33 -8.47 -22.22
N ASN A 92 -8.15 -9.32 -21.59
CA ASN A 92 -8.52 -10.63 -22.13
C ASN A 92 -9.13 -10.59 -23.54
N ALA A 93 -10.08 -9.69 -23.74
CA ALA A 93 -10.81 -9.59 -25.00
C ALA A 93 -9.99 -8.92 -26.08
N LEU A 94 -8.86 -8.33 -25.69
CA LEU A 94 -7.90 -7.79 -26.64
C LEU A 94 -6.93 -8.80 -27.32
N LYS A 95 -6.91 -10.05 -26.86
CA LYS A 95 -5.96 -11.06 -27.35
C LYS A 95 -4.55 -10.49 -27.61
N PRO A 96 -3.94 -9.86 -26.58
CA PRO A 96 -2.65 -9.22 -26.81
C PRO A 96 -1.57 -10.30 -26.97
N ASP A 97 -0.43 -9.96 -27.57
CA ASP A 97 0.69 -10.92 -27.54
C ASP A 97 1.73 -10.57 -26.47
N LEU A 98 1.62 -9.37 -25.93
CA LEU A 98 2.53 -8.92 -24.90
C LEU A 98 1.76 -7.91 -24.05
N ILE A 99 1.97 -8.03 -22.74
CA ILE A 99 1.49 -7.09 -21.75
C ILE A 99 2.71 -6.53 -21.06
N ILE A 100 2.78 -5.21 -20.96
CA ILE A 100 3.90 -4.59 -20.27
C ILE A 100 3.44 -3.85 -19.01
N ILE A 101 4.12 -4.13 -17.90
CA ILE A 101 3.76 -3.63 -16.57
C ILE A 101 4.97 -3.08 -15.82
N SER A 102 4.71 -2.33 -14.76
CA SER A 102 5.75 -1.97 -13.78
C SER A 102 5.25 -2.22 -12.35
N GLY A 103 5.90 -1.64 -11.34
CA GLY A 103 5.60 -1.97 -9.92
C GLY A 103 4.16 -1.97 -9.42
N ARG A 104 3.30 -1.16 -10.02
CA ARG A 104 1.95 -1.01 -9.51
C ARG A 104 1.10 -2.14 -9.97
N GLN A 105 1.58 -2.91 -10.95
CA GLN A 105 0.79 -4.02 -11.50
C GLN A 105 1.43 -5.37 -11.28
N SER A 106 2.52 -5.41 -10.55
CA SER A 106 3.18 -6.65 -10.33
C SER A 106 2.43 -7.52 -9.32
N LYS A 107 1.58 -6.91 -8.48
CA LYS A 107 0.43 -7.61 -7.76
C LYS A 107 -0.23 -8.65 -8.66
N PHE A 108 -0.45 -8.31 -9.95
CA PHE A 108 -1.28 -9.11 -10.84
C PHE A 108 -0.41 -9.87 -11.82
N TYR A 109 0.88 -10.03 -11.52
CA TYR A 109 1.84 -10.69 -12.44
C TYR A 109 1.39 -12.04 -12.94
N ASP A 110 0.87 -12.86 -12.02
CA ASP A 110 0.49 -14.23 -12.33
C ASP A 110 -0.79 -14.36 -13.15
N LYS A 111 -1.70 -13.42 -12.98
CA LYS A 111 -3.01 -13.51 -13.63
C LYS A 111 -2.93 -12.97 -15.06
N LEU A 112 -2.17 -11.90 -15.24
CA LEU A 112 -1.86 -11.35 -16.56
C LEU A 112 -0.98 -12.32 -17.40
N LYS A 113 -0.09 -13.05 -16.74
CA LYS A 113 0.76 -14.06 -17.40
C LYS A 113 -0.03 -15.24 -17.96
N GLU A 114 -1.12 -15.62 -17.28
CA GLU A 114 -2.09 -16.62 -17.77
C GLU A 114 -2.93 -16.15 -18.99
N ILE A 115 -2.67 -14.93 -19.48
CA ILE A 115 -3.28 -14.36 -20.68
C ILE A 115 -2.25 -14.13 -21.79
N ALA A 116 -1.04 -13.70 -21.44
CA ALA A 116 -0.06 -13.28 -22.43
C ALA A 116 1.33 -13.14 -21.80
N PRO A 117 2.39 -13.26 -22.63
CA PRO A 117 3.72 -12.95 -22.11
C PRO A 117 3.66 -11.60 -21.46
N THR A 118 4.23 -11.49 -20.25
CA THR A 118 4.08 -10.32 -19.38
C THR A 118 5.48 -9.85 -19.00
N LEU A 119 5.85 -8.65 -19.45
CA LEU A 119 7.17 -8.08 -19.24
C LEU A 119 7.13 -7.04 -18.15
N PHE A 120 7.94 -7.22 -17.11
CA PHE A 120 8.19 -6.25 -16.08
C PHE A 120 9.32 -5.27 -16.49
N VAL A 121 9.02 -3.96 -16.42
CA VAL A 121 9.92 -2.87 -16.83
C VAL A 121 9.94 -1.79 -15.74
N GLY A 122 9.89 -2.24 -14.52
CA GLY A 122 9.87 -1.31 -13.40
C GLY A 122 11.28 -0.78 -13.21
N LEU A 123 11.38 0.44 -12.73
CA LEU A 123 12.68 1.07 -12.55
C LEU A 123 13.27 0.63 -11.23
N ASP A 124 14.59 0.76 -11.13
CA ASP A 124 15.35 0.52 -9.92
C ASP A 124 15.86 1.87 -9.40
N ASN A 125 15.26 2.33 -8.31
CA ASN A 125 15.62 3.63 -7.78
C ASN A 125 17.03 3.72 -7.22
N ALA A 126 17.70 2.58 -7.02
CA ALA A 126 19.17 2.55 -6.72
C ALA A 126 20.02 2.81 -7.95
N ASN A 127 19.50 2.45 -9.14
CA ASN A 127 20.25 2.49 -10.42
C ASN A 127 19.39 2.97 -11.53
N PHE A 128 19.05 4.26 -11.48
CA PHE A 128 17.99 4.75 -12.31
C PHE A 128 18.45 4.69 -13.76
N LEU A 129 19.65 5.19 -14.05
CA LEU A 129 20.04 5.43 -15.43
C LEU A 129 20.27 4.13 -16.21
N SER A 130 20.88 3.17 -15.55
CA SER A 130 21.18 1.94 -16.22
C SER A 130 19.94 1.06 -16.33
N SER A 131 18.99 1.16 -15.39
CA SER A 131 17.73 0.38 -15.47
C SER A 131 16.75 0.96 -16.44
N PHE A 132 16.72 2.32 -16.51
CA PHE A 132 16.05 3.10 -17.54
C PHE A 132 16.59 2.77 -18.94
N GLU A 133 17.91 2.83 -19.10
CA GLU A 133 18.55 2.54 -20.41
C GLU A 133 18.22 1.10 -20.85
N ASN A 134 18.27 0.17 -19.88
CA ASN A 134 17.99 -1.26 -20.05
C ASN A 134 16.56 -1.55 -20.48
N ASN A 135 15.58 -0.97 -19.81
CA ASN A 135 14.18 -1.01 -20.24
C ASN A 135 13.88 -0.56 -21.67
N VAL A 136 14.45 0.60 -22.04
CA VAL A 136 14.27 1.21 -23.36
C VAL A 136 14.86 0.33 -24.47
N LEU A 137 16.10 -0.12 -24.25
CA LEU A 137 16.77 -0.97 -25.20
C LEU A 137 16.13 -2.33 -25.34
N SER A 138 15.65 -2.93 -24.25
CA SER A 138 15.04 -4.26 -24.29
C SER A 138 13.80 -4.22 -25.15
N VAL A 139 12.97 -3.21 -24.93
CA VAL A 139 11.82 -2.91 -25.80
C VAL A 139 12.19 -2.68 -27.26
N ALA A 140 13.28 -1.97 -27.54
CA ALA A 140 13.67 -1.63 -28.94
C ALA A 140 14.24 -2.83 -29.66
N LYS A 141 14.87 -3.70 -28.87
CA LYS A 141 15.38 -4.99 -29.32
C LYS A 141 14.25 -5.90 -29.85
N LEU A 142 13.05 -5.86 -29.23
CA LEU A 142 11.88 -6.66 -29.70
C LEU A 142 11.44 -6.28 -31.10
N TYR A 143 11.67 -5.02 -31.48
CA TYR A 143 11.28 -4.47 -32.79
C TYR A 143 12.47 -4.12 -33.72
N GLY A 144 13.71 -4.37 -33.27
CA GLY A 144 14.89 -4.13 -34.11
C GLY A 144 15.30 -2.67 -34.28
N LEU A 145 14.96 -1.85 -33.29
CA LEU A 145 15.15 -0.40 -33.32
C LEU A 145 16.20 0.02 -32.33
N GLU A 146 17.24 -0.78 -32.11
CA GLU A 146 18.25 -0.43 -31.11
C GLU A 146 18.95 0.86 -31.48
N LYS A 147 19.26 1.02 -32.76
CA LYS A 147 19.99 2.17 -33.29
C LYS A 147 19.30 3.50 -32.92
N GLU A 148 18.00 3.53 -33.13
CA GLU A 148 17.20 4.74 -32.94
C GLU A 148 17.10 5.01 -31.48
N ALA A 149 16.91 3.98 -30.68
CA ALA A 149 16.81 4.15 -29.22
C ALA A 149 18.10 4.68 -28.59
N LEU A 150 19.22 4.09 -29.00
CA LEU A 150 20.56 4.42 -28.49
C LEU A 150 20.96 5.86 -28.73
N GLU A 151 20.53 6.44 -29.84
CA GLU A 151 20.90 7.83 -30.11
C GLU A 151 19.99 8.75 -29.31
N LYS A 152 18.78 8.26 -28.99
CA LYS A 152 17.84 8.99 -28.17
C LYS A 152 18.23 9.01 -26.68
N ILE A 153 18.86 7.93 -26.24
CA ILE A 153 19.42 7.79 -24.90
C ILE A 153 20.60 8.72 -24.75
N SER A 154 21.48 8.64 -25.75
CA SER A 154 22.67 9.44 -25.87
C SER A 154 22.38 10.94 -25.91
N ASP A 155 21.22 11.35 -26.45
CA ASP A 155 20.72 12.73 -26.28
C ASP A 155 20.39 13.07 -24.84
N ILE A 156 19.60 12.21 -24.21
CA ILE A 156 19.24 12.35 -22.79
C ILE A 156 20.52 12.49 -21.89
N LYS A 157 21.48 11.62 -22.07
CA LYS A 157 22.74 11.76 -21.36
C LYS A 157 23.41 13.13 -21.62
N ASN A 158 23.33 13.61 -22.85
CA ASN A 158 23.90 14.92 -23.19
C ASN A 158 23.16 16.08 -22.51
N GLU A 159 21.84 15.96 -22.37
CA GLU A 159 21.02 16.96 -21.69
C GLU A 159 21.26 16.93 -20.19
N ILE A 160 21.56 15.73 -19.65
CA ILE A 160 21.91 15.58 -18.25
C ILE A 160 23.18 16.36 -17.92
N GLU A 161 24.22 16.15 -18.72
CA GLU A 161 25.53 16.83 -18.46
C GLU A 161 25.39 18.35 -18.51
N LYS A 162 24.59 18.89 -19.45
CA LYS A 162 24.24 20.34 -19.50
C LYS A 162 23.43 20.83 -18.28
N ALA A 163 22.58 19.97 -17.72
CA ALA A 163 21.84 20.32 -16.52
C ALA A 163 22.79 20.37 -15.33
N LYS A 164 23.70 19.41 -15.24
CA LYS A 164 24.70 19.40 -14.16
C LYS A 164 25.56 20.67 -14.17
N SER A 165 26.24 20.96 -15.28
CA SER A 165 26.99 22.22 -15.45
C SER A 165 26.45 23.40 -14.63
N ILE A 166 25.14 23.63 -14.71
CA ILE A 166 24.52 24.84 -14.12
C ILE A 166 24.02 24.64 -12.69
N VAL A 167 24.26 23.45 -12.13
CA VAL A 167 23.93 23.18 -10.73
C VAL A 167 25.02 23.84 -9.85
N ASP A 168 24.52 24.56 -8.86
CA ASP A 168 25.35 25.22 -7.89
C ASP A 168 25.52 24.27 -6.71
N GLU A 169 26.72 23.72 -6.55
CA GLU A 169 27.01 22.72 -5.51
C GLU A 169 26.77 23.21 -4.05
N ASP A 170 26.71 24.51 -3.81
CA ASP A 170 26.55 24.98 -2.42
C ASP A 170 25.10 25.18 -2.04
N LYS A 171 24.19 24.63 -2.82
CA LYS A 171 22.76 24.71 -2.49
C LYS A 171 22.15 23.33 -2.26
N LYS A 172 21.21 23.27 -1.33
CA LYS A 172 20.54 22.02 -1.01
C LYS A 172 19.05 22.03 -1.38
N ALA A 173 18.52 20.86 -1.72
CA ALA A 173 17.11 20.71 -2.04
C ALA A 173 16.39 19.68 -1.14
N LEU A 174 15.13 19.96 -0.87
CA LEU A 174 14.17 19.00 -0.30
C LEU A 174 13.18 18.57 -1.33
N ILE A 175 12.91 17.27 -1.38
CA ILE A 175 11.79 16.77 -2.20
C ILE A 175 10.65 16.41 -1.27
N ILE A 176 9.44 16.87 -1.60
CA ILE A 176 8.26 16.53 -0.85
C ILE A 176 7.06 16.22 -1.72
N LEU A 177 6.20 15.39 -1.14
CA LEU A 177 4.96 14.95 -1.71
C LEU A 177 3.81 15.38 -0.77
N THR A 178 2.78 15.99 -1.36
CA THR A 178 1.64 16.43 -0.61
C THR A 178 0.48 15.53 -0.93
N ASN A 179 -0.34 15.31 0.10
CA ASN A 179 -1.38 14.34 0.08
C ASN A 179 -2.41 14.74 1.11
N SER A 180 -3.68 14.81 0.71
CA SER A 180 -4.65 15.54 1.51
C SER A 180 -3.86 16.77 1.92
N ASN A 181 -3.89 17.13 3.21
CA ASN A 181 -3.05 18.19 3.78
C ASN A 181 -1.80 17.70 4.54
N LYS A 182 -1.35 16.46 4.32
CA LYS A 182 -0.10 15.96 4.91
C LYS A 182 1.01 16.12 3.90
N ILE A 183 2.25 16.12 4.40
CA ILE A 183 3.47 16.22 3.64
C ILE A 183 4.46 15.14 4.01
N SER A 184 5.17 14.64 3.01
CA SER A 184 6.18 13.61 3.14
C SER A 184 7.45 14.01 2.46
N ALA A 185 8.60 13.68 3.05
CA ALA A 185 9.88 13.94 2.41
C ALA A 185 10.48 12.70 1.72
N PHE A 186 11.17 12.97 0.62
CA PHE A 186 11.84 11.97 -0.20
C PHE A 186 13.32 12.37 -0.45
N GLY A 187 14.14 11.35 -0.57
CA GLY A 187 15.56 11.54 -0.74
C GLY A 187 16.17 10.79 -1.92
N PRO A 188 17.48 10.59 -1.84
CA PRO A 188 18.31 9.80 -2.71
C PRO A 188 17.83 8.38 -2.83
N GLN A 189 17.81 7.93 -4.07
CA GLN A 189 17.30 6.61 -4.45
C GLN A 189 15.87 6.28 -4.07
N SER A 190 15.07 7.32 -3.87
CA SER A 190 13.62 7.18 -3.75
C SER A 190 13.07 7.18 -5.18
N ARG A 191 11.77 7.07 -5.32
CA ARG A 191 11.14 7.15 -6.63
C ARG A 191 11.27 8.50 -7.34
N PHE A 192 11.71 9.54 -6.61
CA PHE A 192 11.96 10.87 -7.13
C PHE A 192 13.44 11.26 -7.10
N GLY A 193 14.33 10.29 -6.94
CA GLY A 193 15.76 10.48 -6.61
C GLY A 193 16.69 11.05 -7.67
N ILE A 194 16.21 11.05 -8.90
CA ILE A 194 16.78 11.72 -10.08
C ILE A 194 17.39 13.09 -9.85
N ILE A 195 16.65 13.90 -9.12
CA ILE A 195 17.08 15.20 -8.75
C ILE A 195 18.40 15.15 -7.94
N HIS A 196 18.53 14.14 -7.11
CA HIS A 196 19.74 13.97 -6.36
C HIS A 196 20.78 13.06 -7.03
N ASP A 197 20.35 11.94 -7.58
CA ASP A 197 21.26 10.91 -8.03
C ASP A 197 21.76 11.15 -9.46
N VAL A 198 20.93 11.73 -10.32
CA VAL A 198 21.33 11.93 -11.73
C VAL A 198 21.78 13.38 -12.03
N LEU A 199 21.06 14.35 -11.48
CA LEU A 199 21.37 15.76 -11.73
C LEU A 199 22.27 16.30 -10.60
N GLY A 200 22.44 15.57 -9.52
CA GLY A 200 23.50 15.90 -8.59
C GLY A 200 23.22 17.08 -7.66
N ILE A 201 21.97 17.55 -7.65
CA ILE A 201 21.55 18.55 -6.71
C ILE A 201 21.61 17.94 -5.30
N ASN A 202 22.27 18.61 -4.35
CA ASN A 202 22.50 18.01 -3.05
C ASN A 202 21.24 18.06 -2.23
N ALA A 203 21.15 17.14 -1.27
CA ALA A 203 20.01 16.96 -0.41
C ALA A 203 20.23 17.70 0.91
N VAL A 204 19.20 18.33 1.45
CA VAL A 204 19.28 18.89 2.85
C VAL A 204 19.42 17.84 3.98
N ASP A 205 18.70 16.71 3.85
CA ASP A 205 18.73 15.63 4.84
C ASP A 205 19.06 14.23 4.25
N GLU A 206 19.61 13.35 5.14
CA GLU A 206 19.85 11.91 4.88
C GLU A 206 18.98 10.89 5.71
N ASN A 207 18.18 10.12 4.96
CA ASN A 207 16.96 9.43 5.45
C ASN A 207 16.48 8.28 4.47
N ILE A 208 16.11 7.12 5.04
CA ILE A 208 15.88 5.85 4.29
C ILE A 208 14.82 5.88 3.16
N LYS A 209 14.95 4.97 2.19
CA LYS A 209 14.15 5.03 0.91
C LYS A 209 12.66 4.68 1.10
N GLY A 214 7.73 6.94 2.10
CA GLY A 214 7.90 8.38 2.34
C GLY A 214 8.29 8.70 3.75
N LYS A 215 8.71 9.91 4.07
CA LYS A 215 8.98 10.22 5.51
C LYS A 215 8.10 11.37 5.95
N SER A 216 7.20 11.05 6.86
CA SER A 216 6.22 12.00 7.32
C SER A 216 6.86 13.25 8.00
N ILE A 217 6.59 14.45 7.47
CA ILE A 217 7.11 15.71 8.06
C ILE A 217 6.03 16.81 8.14
N ASN A 218 6.40 17.93 8.74
CA ASN A 218 5.58 19.16 8.75
C ASN A 218 6.44 20.42 8.45
N SER A 219 5.82 21.59 8.62
CA SER A 219 6.44 22.84 8.19
C SER A 219 7.57 23.31 9.07
N GLU A 220 7.65 22.80 10.30
CA GLU A 220 8.74 23.20 11.17
C GLU A 220 9.99 22.44 10.78
N PHE A 221 9.79 21.19 10.34
CA PHE A 221 10.88 20.37 9.81
C PHE A 221 11.46 21.07 8.59
N ILE A 222 10.60 21.50 7.68
CA ILE A 222 11.06 22.23 6.48
C ILE A 222 11.90 23.49 6.82
N LEU A 223 11.58 24.19 7.92
CA LEU A 223 12.29 25.39 8.34
C LEU A 223 13.66 25.12 9.00
N GLU A 224 13.72 24.19 9.95
CA GLU A 224 15.03 23.85 10.60
C GLU A 224 16.04 23.32 9.54
N LYS A 225 15.53 22.81 8.44
CA LYS A 225 16.35 22.35 7.33
C LYS A 225 16.72 23.53 6.43
N ASN A 226 15.70 24.33 6.10
CA ASN A 226 15.87 25.60 5.41
C ASN A 226 16.56 25.42 4.07
N PRO A 227 15.92 24.65 3.17
CA PRO A 227 16.46 24.39 1.83
C PRO A 227 16.47 25.62 0.92
N ASP A 228 17.36 25.58 -0.09
CA ASP A 228 17.39 26.61 -1.13
C ASP A 228 16.32 26.29 -2.19
N TYR A 229 16.02 24.99 -2.36
CA TYR A 229 14.95 24.52 -3.26
C TYR A 229 14.05 23.51 -2.55
N ILE A 230 12.76 23.59 -2.85
CA ILE A 230 11.80 22.62 -2.47
C ILE A 230 11.13 22.18 -3.77
N PHE A 231 11.34 20.93 -4.15
CA PHE A 231 10.62 20.32 -5.25
C PHE A 231 9.41 19.60 -4.69
N VAL A 232 8.25 19.92 -5.25
CA VAL A 232 6.99 19.56 -4.67
C VAL A 232 6.28 18.73 -5.72
N VAL A 233 5.93 17.49 -5.34
CA VAL A 233 5.02 16.64 -6.10
C VAL A 233 3.65 16.56 -5.42
N ASP A 234 2.59 17.05 -6.09
CA ASP A 234 1.21 17.05 -5.51
C ASP A 234 0.38 15.84 -5.95
N ARG A 235 0.26 14.87 -5.06
CA ARG A 235 -0.54 13.64 -5.21
C ARG A 235 -2.08 13.88 -5.31
N ASN A 236 -2.55 15.00 -4.70
CA ASN A 236 -3.97 15.37 -4.58
C ASN A 236 -4.67 15.43 -5.91
N VAL A 237 -3.96 15.83 -6.92
CA VAL A 237 -4.55 15.98 -8.23
C VAL A 237 -5.07 14.60 -8.75
N ILE A 238 -4.11 13.67 -8.91
CA ILE A 238 -4.37 12.27 -9.28
C ILE A 238 -5.38 11.57 -8.33
N LEU A 239 -5.22 11.77 -7.04
CA LEU A 239 -6.20 11.26 -6.08
C LEU A 239 -7.57 11.91 -6.16
N GLY A 240 -7.71 13.00 -6.91
CA GLY A 240 -9.03 13.61 -7.08
C GLY A 240 -9.54 14.38 -5.88
N ASN A 241 -8.61 14.80 -5.01
CA ASN A 241 -8.87 15.69 -3.83
C ASN A 241 -9.06 17.14 -4.19
N LYS A 242 -9.60 17.90 -3.24
CA LYS A 242 -9.98 19.32 -3.44
C LYS A 242 -8.78 20.22 -3.17
N GLU A 243 -8.01 19.81 -2.17
CA GLU A 243 -6.83 20.58 -1.77
C GLU A 243 -5.63 20.45 -2.69
N ARG A 244 -4.78 21.48 -2.59
CA ARG A 244 -3.59 21.66 -3.43
C ARG A 244 -2.33 21.98 -2.62
N ALA A 245 -1.16 21.70 -3.16
CA ALA A 245 0.10 21.97 -2.42
C ALA A 245 0.32 23.46 -2.21
N GLN A 246 -0.13 24.29 -3.15
CA GLN A 246 0.07 25.77 -3.04
C GLN A 246 -0.64 26.28 -1.78
N GLY A 247 -1.86 25.80 -1.53
CA GLY A 247 -2.59 26.08 -0.27
C GLY A 247 -1.93 25.61 1.01
N ILE A 248 -1.40 24.38 1.00
CA ILE A 248 -0.75 23.77 2.16
C ILE A 248 0.57 24.47 2.49
N LEU A 249 1.38 24.76 1.49
CA LEU A 249 2.69 25.36 1.72
C LEU A 249 2.66 26.87 1.87
N ASP A 250 1.47 27.47 1.94
CA ASP A 250 1.33 28.91 2.16
C ASP A 250 1.12 29.20 3.65
N ASN A 251 2.15 28.97 4.43
CA ASN A 251 2.13 29.31 5.83
C ASN A 251 3.40 30.09 6.15
N ALA A 252 3.38 30.71 7.34
CA ALA A 252 4.41 31.61 7.81
C ALA A 252 5.73 30.93 8.18
N LEU A 253 5.73 29.63 8.34
CA LEU A 253 6.96 28.89 8.61
C LEU A 253 7.78 28.72 7.32
N VAL A 254 7.10 28.25 6.28
CA VAL A 254 7.67 28.01 4.96
C VAL A 254 8.03 29.33 4.26
N ALA A 255 7.25 30.38 4.52
CA ALA A 255 7.57 31.72 4.02
C ALA A 255 8.97 32.25 4.45
N LYS A 256 9.46 31.75 5.60
CA LYS A 256 10.78 32.15 6.11
C LYS A 256 11.98 31.40 5.50
N THR A 257 11.75 30.30 4.75
CA THR A 257 12.87 29.59 4.14
C THR A 257 13.48 30.38 2.98
N LYS A 258 14.79 30.25 2.80
CA LYS A 258 15.48 30.64 1.57
C LYS A 258 14.71 30.26 0.29
N ALA A 259 14.09 29.09 0.26
CA ALA A 259 13.34 28.62 -0.90
C ALA A 259 12.09 29.46 -1.17
N ALA A 260 11.41 29.87 -0.10
CA ALA A 260 10.25 30.74 -0.21
C ALA A 260 10.67 32.18 -0.63
N GLN A 261 11.60 32.76 0.13
CA GLN A 261 12.15 34.08 -0.14
C GLN A 261 12.81 34.29 -1.49
N ASN A 262 13.23 33.19 -2.11
CA ASN A 262 13.81 33.27 -3.40
C ASN A 262 12.92 32.66 -4.45
N LYS A 263 11.67 32.34 -4.09
CA LYS A 263 10.68 31.79 -5.06
C LYS A 263 11.13 30.48 -5.72
N LYS A 264 11.80 29.63 -4.94
CA LYS A 264 12.34 28.36 -5.42
C LYS A 264 11.59 27.20 -4.77
N ILE A 265 10.26 27.37 -4.66
CA ILE A 265 9.33 26.29 -4.39
C ILE A 265 8.71 25.90 -5.75
N ILE A 266 9.11 24.72 -6.23
CA ILE A 266 8.83 24.26 -7.56
C ILE A 266 7.82 23.12 -7.53
N TYR A 267 6.68 23.41 -8.11
CA TYR A 267 5.64 22.45 -8.31
C TYR A 267 5.96 21.63 -9.60
N LEU A 268 6.37 20.37 -9.40
CA LEU A 268 6.73 19.51 -10.51
C LEU A 268 5.45 18.88 -11.04
N ASP A 269 5.40 18.66 -12.35
CA ASP A 269 4.24 18.10 -12.98
C ASP A 269 4.03 16.64 -12.53
N PRO A 270 2.94 16.39 -11.75
CA PRO A 270 2.71 15.05 -11.20
C PRO A 270 2.50 13.98 -12.31
N GLU A 271 2.02 14.37 -13.48
CA GLU A 271 1.83 13.39 -14.51
C GLU A 271 3.13 12.76 -15.00
N TYR A 272 4.20 13.54 -14.95
CA TYR A 272 5.52 13.04 -15.26
C TYR A 272 6.24 12.28 -14.12
N TRP A 273 6.25 12.92 -12.96
CA TRP A 273 7.08 12.55 -11.85
C TRP A 273 6.45 11.42 -11.02
N TYR A 274 5.13 11.43 -10.94
CA TYR A 274 4.42 10.48 -10.09
C TYR A 274 3.79 9.35 -10.96
N LEU A 275 3.26 9.64 -12.15
CA LEU A 275 2.66 8.59 -12.99
C LEU A 275 3.64 7.84 -13.94
N ALA A 276 4.32 8.51 -14.85
CA ALA A 276 5.28 7.81 -15.71
C ALA A 276 6.56 7.47 -14.94
N SER A 277 6.88 8.34 -13.99
CA SER A 277 8.10 8.26 -13.15
C SER A 277 9.45 8.29 -13.93
N GLY A 278 9.49 8.91 -15.12
CA GLY A 278 10.76 9.06 -15.89
C GLY A 278 11.12 7.82 -16.66
N ASN A 279 10.16 6.92 -16.82
CA ASN A 279 10.43 5.60 -17.41
C ASN A 279 10.11 5.60 -18.92
N GLY A 280 10.24 6.75 -19.56
CA GLY A 280 10.13 6.88 -21.00
C GLY A 280 11.10 7.90 -21.60
N LEU A 281 11.29 7.78 -22.91
CA LEU A 281 12.21 8.64 -23.64
C LEU A 281 11.70 10.11 -23.62
N GLU A 282 10.43 10.30 -23.92
CA GLU A 282 9.73 11.61 -23.89
C GLU A 282 9.66 12.22 -22.51
N SER A 283 9.09 11.50 -21.56
CA SER A 283 9.02 11.98 -20.15
C SER A 283 10.38 12.33 -19.45
N LEU A 284 11.37 11.47 -19.52
CA LEU A 284 12.66 11.77 -18.87
C LEU A 284 13.31 13.07 -19.40
N LYS A 285 13.41 13.18 -20.71
CA LYS A 285 13.95 14.40 -21.32
C LYS A 285 13.21 15.64 -20.84
N THR A 286 11.89 15.57 -20.80
CA THR A 286 11.06 16.69 -20.40
C THR A 286 11.27 17.05 -18.93
N MET A 287 11.40 16.05 -18.07
CA MET A 287 11.69 16.22 -16.64
C MET A 287 13.06 16.80 -16.33
N ILE A 288 14.07 16.37 -17.05
CA ILE A 288 15.41 16.98 -16.94
C ILE A 288 15.41 18.49 -17.27
N LEU A 289 14.73 18.85 -18.37
CA LEU A 289 14.55 20.24 -18.73
C LEU A 289 13.70 21.06 -17.73
N GLU A 290 12.74 20.43 -17.05
CA GLU A 290 11.91 21.07 -16.05
C GLU A 290 12.71 21.45 -14.80
N ILE A 291 13.62 20.58 -14.39
CA ILE A 291 14.54 20.86 -13.29
C ILE A 291 15.58 21.87 -13.68
N LYS A 292 16.10 21.73 -14.89
CA LYS A 292 17.14 22.62 -15.40
C LYS A 292 16.72 24.06 -15.33
N ASN A 293 15.52 24.32 -15.80
CA ASN A 293 14.97 25.65 -15.89
C ASN A 293 14.60 26.16 -14.51
N ALA A 294 14.36 25.29 -13.53
CA ALA A 294 14.04 25.75 -12.17
C ALA A 294 15.25 26.09 -11.32
N VAL A 295 16.34 25.34 -11.45
CA VAL A 295 17.54 25.57 -10.64
C VAL A 295 18.45 26.61 -11.26
N LYS A 296 18.22 26.85 -12.54
CA LYS A 296 18.70 28.04 -13.24
C LYS A 296 18.01 29.22 -12.48
N PRO B 11 -5.56 7.64 21.67
CA PRO B 11 -6.73 7.41 22.55
C PRO B 11 -7.94 8.17 22.06
N ILE B 12 -9.13 7.62 22.31
CA ILE B 12 -10.40 8.28 22.02
C ILE B 12 -10.86 8.93 23.34
N SER B 13 -11.43 10.12 23.23
CA SER B 13 -11.97 10.81 24.39
C SER B 13 -13.33 11.41 24.04
N MET B 14 -14.30 11.17 24.92
CA MET B 14 -15.66 11.66 24.81
C MET B 14 -15.85 12.67 25.95
N SER B 15 -16.65 13.70 25.66
CA SER B 15 -17.14 14.62 26.64
C SER B 15 -18.64 14.84 26.34
N ASP B 16 -19.46 14.61 27.35
CA ASP B 16 -20.92 14.65 27.20
C ASP B 16 -21.45 16.09 27.06
N GLU B 17 -21.91 16.43 25.85
CA GLU B 17 -22.42 17.78 25.54
C GLU B 17 -23.93 17.74 25.27
N GLY B 18 -24.66 16.99 26.09
CA GLY B 18 -26.11 17.10 26.13
C GLY B 18 -26.91 15.94 25.57
N ASP B 19 -27.36 16.11 24.33
CA ASP B 19 -28.04 15.05 23.58
C ASP B 19 -27.04 14.25 22.66
N SER B 20 -25.74 14.40 22.93
CA SER B 20 -24.70 13.93 22.04
C SER B 20 -23.34 13.96 22.76
N PHE B 21 -22.26 13.62 22.03
CA PHE B 21 -20.91 13.57 22.60
C PHE B 21 -19.97 14.33 21.70
N LEU B 22 -18.95 14.94 22.30
CA LEU B 22 -17.89 15.57 21.52
C LEU B 22 -16.83 14.55 21.58
N VAL B 23 -16.58 13.88 20.46
CA VAL B 23 -15.67 12.73 20.41
C VAL B 23 -14.47 13.12 19.56
N LYS B 24 -13.27 13.04 20.15
CA LYS B 24 -12.02 13.28 19.45
C LYS B 24 -11.28 11.96 19.32
N ASP B 25 -10.68 11.72 18.13
CA ASP B 25 -9.80 10.54 17.90
C ASP B 25 -8.52 10.94 17.15
N SER B 26 -7.78 9.95 16.65
CA SER B 26 -6.52 10.16 15.88
C SER B 26 -6.71 10.98 14.61
N LEU B 27 -7.88 10.91 14.01
CA LEU B 27 -8.16 11.61 12.75
C LEU B 27 -8.88 12.97 12.94
N GLY B 28 -9.69 13.13 13.98
CA GLY B 28 -10.34 14.43 14.29
C GLY B 28 -11.50 14.39 15.31
N GLU B 29 -12.24 15.49 15.37
CA GLU B 29 -13.37 15.70 16.28
C GLU B 29 -14.69 15.50 15.54
N ASN B 30 -15.66 14.81 16.17
CA ASN B 30 -17.05 14.74 15.68
C ASN B 30 -18.05 14.90 16.83
N LYS B 31 -19.20 15.46 16.50
CA LYS B 31 -20.36 15.44 17.39
C LYS B 31 -21.11 14.19 16.96
N ILE B 32 -21.20 13.21 17.86
CA ILE B 32 -21.92 11.98 17.59
C ILE B 32 -23.13 11.94 18.51
N PRO B 33 -24.33 11.73 17.95
CA PRO B 33 -25.54 11.63 18.78
C PRO B 33 -25.47 10.47 19.75
N LYS B 34 -26.20 10.56 20.85
CA LYS B 34 -26.42 9.43 21.75
C LYS B 34 -27.32 8.38 21.09
N ASN B 35 -26.98 7.12 21.29
CA ASN B 35 -27.72 6.01 20.69
C ASN B 35 -27.94 6.21 19.17
N PRO B 36 -26.84 6.37 18.43
CA PRO B 36 -26.97 6.54 16.99
C PRO B 36 -27.73 5.38 16.38
N SER B 37 -28.76 5.73 15.63
CA SER B 37 -29.78 4.80 15.16
C SER B 37 -29.42 4.13 13.79
N LYS B 38 -28.71 4.83 12.91
CA LYS B 38 -28.32 4.25 11.63
C LYS B 38 -26.82 4.27 11.48
N VAL B 39 -26.15 3.14 11.79
CA VAL B 39 -24.70 3.00 11.72
C VAL B 39 -24.14 2.18 10.53
N VAL B 40 -23.25 2.79 9.75
CA VAL B 40 -22.40 2.13 8.78
C VAL B 40 -21.03 1.81 9.38
N ILE B 41 -20.71 0.53 9.42
CA ILE B 41 -19.51 0.01 10.04
C ILE B 41 -18.70 -0.68 8.98
N LEU B 42 -17.43 -0.29 8.91
CA LEU B 42 -16.47 -0.74 7.94
C LEU B 42 -15.33 -1.53 8.60
N ASP B 43 -15.24 -1.43 9.94
CA ASP B 43 -14.36 -2.30 10.74
C ASP B 43 -15.11 -3.56 11.22
N LEU B 44 -14.61 -4.73 10.82
CA LEU B 44 -15.27 -5.99 11.10
C LEU B 44 -15.23 -6.39 12.56
N GLY B 45 -14.11 -6.17 13.22
CA GLY B 45 -14.01 -6.28 14.67
C GLY B 45 -15.06 -5.52 15.45
N ILE B 46 -15.23 -4.26 15.12
CA ILE B 46 -16.25 -3.43 15.72
C ILE B 46 -17.68 -3.89 15.45
N LEU B 47 -17.85 -4.57 14.35
CA LEU B 47 -19.14 -5.14 13.98
C LEU B 47 -19.38 -6.39 14.83
N ASP B 48 -18.34 -7.14 15.21
CA ASP B 48 -18.64 -8.25 16.16
C ASP B 48 -18.95 -7.76 17.59
N THR B 49 -18.49 -6.55 17.93
CA THR B 49 -18.71 -5.89 19.19
C THR B 49 -20.13 -5.36 19.30
N PHE B 50 -20.65 -4.77 18.24
CA PHE B 50 -22.09 -4.41 18.16
C PHE B 50 -23.03 -5.61 18.31
N ASP B 51 -22.59 -6.76 17.83
CA ASP B 51 -23.34 -8.02 18.01
C ASP B 51 -23.23 -8.52 19.45
N ALA B 52 -22.02 -8.52 19.99
CA ALA B 52 -21.73 -8.83 21.38
C ALA B 52 -22.59 -8.01 22.34
N LEU B 53 -22.80 -6.74 22.00
CA LEU B 53 -23.60 -5.85 22.85
C LEU B 53 -25.05 -5.79 22.42
N LYS B 54 -25.52 -6.75 21.62
CA LYS B 54 -26.92 -6.77 21.15
C LYS B 54 -27.36 -5.45 20.46
N LEU B 55 -26.54 -4.90 19.54
CA LEU B 55 -26.86 -3.63 18.76
C LEU B 55 -27.08 -3.87 17.25
N ASN B 56 -27.25 -5.13 16.89
CA ASN B 56 -27.53 -5.53 15.52
C ASN B 56 -28.47 -4.58 14.76
N ASP B 57 -29.55 -4.15 15.41
CA ASP B 57 -30.58 -3.38 14.68
C ASP B 57 -30.23 -1.89 14.49
N LYS B 58 -29.20 -1.43 15.18
CA LYS B 58 -28.62 -0.12 14.92
C LYS B 58 -27.95 -0.07 13.55
N VAL B 59 -27.53 -1.24 13.06
CA VAL B 59 -26.58 -1.31 11.96
C VAL B 59 -27.30 -1.31 10.61
N VAL B 60 -26.87 -0.42 9.72
CA VAL B 60 -27.58 -0.18 8.48
C VAL B 60 -26.78 -0.70 7.28
N GLY B 61 -25.47 -0.70 7.41
CA GLY B 61 -24.59 -1.16 6.32
C GLY B 61 -23.26 -1.74 6.81
N VAL B 62 -22.78 -2.74 6.06
CA VAL B 62 -21.60 -3.55 6.38
C VAL B 62 -20.88 -3.86 5.09
N PRO B 63 -19.58 -4.25 5.15
CA PRO B 63 -18.89 -4.68 3.89
C PRO B 63 -19.13 -6.14 3.48
N ALA B 64 -20.13 -6.39 2.65
CA ALA B 64 -20.57 -7.75 2.35
C ALA B 64 -19.54 -8.63 1.67
N LYS B 65 -18.73 -8.06 0.78
CA LYS B 65 -17.78 -8.88 0.03
C LYS B 65 -16.62 -9.40 0.90
N ASN B 66 -16.39 -8.79 2.06
CA ASN B 66 -15.47 -9.39 3.05
C ASN B 66 -16.19 -9.68 4.39
N LEU B 67 -17.36 -10.34 4.38
CA LEU B 67 -18.05 -10.64 5.62
C LEU B 67 -17.67 -12.05 6.09
N PRO B 68 -16.99 -12.14 7.24
CA PRO B 68 -16.59 -13.42 7.76
C PRO B 68 -17.74 -14.38 8.03
N LYS B 69 -17.42 -15.67 7.98
CA LYS B 69 -18.36 -16.72 8.30
C LYS B 69 -18.99 -16.46 9.68
N TYR B 70 -18.16 -16.00 10.59
CA TYR B 70 -18.57 -15.81 11.96
C TYR B 70 -19.47 -14.58 12.18
N LEU B 71 -19.68 -13.76 11.13
CA LEU B 71 -20.56 -12.58 11.17
C LEU B 71 -21.64 -12.67 10.10
N GLN B 72 -22.09 -13.88 9.83
CA GLN B 72 -23.05 -14.10 8.76
C GLN B 72 -24.48 -13.74 9.14
N GLN B 73 -24.76 -13.56 10.43
CA GLN B 73 -25.99 -12.89 10.84
C GLN B 73 -26.11 -11.42 10.32
N PHE B 74 -25.07 -10.90 9.63
CA PHE B 74 -25.14 -9.59 8.99
C PHE B 74 -25.19 -9.69 7.45
N LYS B 75 -25.28 -10.92 6.91
CA LYS B 75 -25.49 -11.22 5.48
C LYS B 75 -26.43 -10.35 4.67
N ASN B 76 -27.52 -9.94 5.32
CA ASN B 76 -28.68 -9.35 4.64
C ASN B 76 -28.81 -7.86 4.94
N LYS B 77 -27.86 -7.29 5.69
CA LYS B 77 -27.81 -5.83 5.82
C LYS B 77 -27.34 -5.28 4.48
N PRO B 78 -27.79 -4.06 4.09
CA PRO B 78 -27.22 -3.42 2.90
C PRO B 78 -25.70 -3.52 2.85
N SER B 79 -25.18 -3.85 1.67
CA SER B 79 -23.76 -3.85 1.46
C SER B 79 -23.24 -2.47 1.05
N VAL B 80 -22.18 -2.03 1.72
CA VAL B 80 -21.52 -0.77 1.42
C VAL B 80 -20.09 -0.97 0.83
N GLY B 81 -19.76 -2.20 0.45
CA GLY B 81 -18.48 -2.48 -0.20
C GLY B 81 -17.74 -3.69 0.38
N GLY B 82 -16.41 -3.62 0.32
CA GLY B 82 -15.44 -4.51 1.02
C GLY B 82 -14.42 -3.62 1.71
N VAL B 83 -13.38 -4.18 2.32
CA VAL B 83 -12.47 -3.32 3.21
C VAL B 83 -11.56 -2.34 2.47
N GLN B 84 -11.03 -2.80 1.34
CA GLN B 84 -10.33 -1.93 0.38
C GLN B 84 -11.29 -1.04 -0.42
N GLN B 85 -12.42 -1.59 -0.86
CA GLN B 85 -13.39 -0.84 -1.74
C GLN B 85 -14.60 -0.28 -1.01
N VAL B 86 -14.76 1.02 -0.93
CA VAL B 86 -15.95 1.64 -0.29
C VAL B 86 -16.95 2.20 -1.31
N ASP B 87 -18.22 1.79 -1.21
CA ASP B 87 -19.31 2.30 -2.07
C ASP B 87 -19.97 3.55 -1.44
N PHE B 88 -19.42 4.74 -1.75
CA PHE B 88 -19.92 6.04 -1.26
C PHE B 88 -21.38 6.30 -1.66
N GLU B 89 -21.77 5.78 -2.82
CA GLU B 89 -23.14 5.90 -3.32
C GLU B 89 -24.09 5.25 -2.36
N ALA B 90 -23.80 3.99 -2.01
CA ALA B 90 -24.67 3.16 -1.14
C ALA B 90 -24.72 3.70 0.26
N ILE B 91 -23.63 4.32 0.70
CA ILE B 91 -23.54 4.87 2.02
C ILE B 91 -24.44 6.09 2.16
N ASN B 92 -24.61 6.85 1.09
CA ASN B 92 -25.58 7.97 1.11
C ASN B 92 -27.00 7.53 1.12
N ALA B 93 -27.35 6.66 0.18
CA ALA B 93 -28.67 6.09 0.13
C ALA B 93 -29.14 5.76 1.56
N LEU B 94 -28.23 5.24 2.39
CA LEU B 94 -28.57 4.79 3.77
C LEU B 94 -28.80 5.88 4.83
N LYS B 95 -28.35 7.10 4.56
CA LYS B 95 -28.52 8.25 5.48
C LYS B 95 -28.02 7.97 6.93
N PRO B 96 -26.76 7.56 7.07
CA PRO B 96 -26.23 7.11 8.36
C PRO B 96 -26.03 8.24 9.41
N ASP B 97 -26.40 7.96 10.66
CA ASP B 97 -26.01 8.77 11.83
C ASP B 97 -24.51 8.80 12.09
N LEU B 98 -23.85 7.72 11.76
CA LEU B 98 -22.48 7.48 12.15
C LEU B 98 -21.88 6.44 11.19
N ILE B 99 -20.64 6.68 10.81
CA ILE B 99 -19.82 5.78 10.01
C ILE B 99 -18.63 5.40 10.86
N ILE B 100 -18.34 4.11 10.99
CA ILE B 100 -17.19 3.63 11.77
C ILE B 100 -16.11 2.98 10.85
N ILE B 101 -14.86 3.36 11.06
CA ILE B 101 -13.77 2.90 10.24
C ILE B 101 -12.50 2.55 11.01
N SER B 102 -11.62 1.78 10.36
CA SER B 102 -10.23 1.71 10.82
C SER B 102 -9.18 2.03 9.71
N GLY B 103 -7.95 1.62 9.91
CA GLY B 103 -6.82 1.96 9.04
C GLY B 103 -7.01 1.79 7.55
N ARG B 104 -7.68 0.75 7.08
CA ARG B 104 -7.81 0.55 5.62
C ARG B 104 -8.76 1.57 4.97
N GLN B 105 -9.46 2.35 5.80
CA GLN B 105 -10.40 3.33 5.26
C GLN B 105 -10.05 4.76 5.59
N SER B 106 -9.07 4.96 6.45
CA SER B 106 -8.74 6.29 6.85
C SER B 106 -8.46 7.16 5.62
N LYS B 107 -7.97 6.55 4.54
CA LYS B 107 -7.70 7.25 3.27
C LYS B 107 -8.95 7.91 2.64
N PHE B 108 -10.15 7.54 3.12
CA PHE B 108 -11.39 8.11 2.63
C PHE B 108 -12.02 8.97 3.71
N TYR B 109 -11.26 9.32 4.75
CA TYR B 109 -11.81 10.05 5.90
C TYR B 109 -12.56 11.35 5.53
N ASP B 110 -11.94 12.19 4.70
CA ASP B 110 -12.58 13.46 4.29
C ASP B 110 -13.93 13.16 3.62
N LYS B 111 -13.90 12.29 2.60
CA LYS B 111 -15.08 12.02 1.76
C LYS B 111 -16.23 11.38 2.57
N LEU B 112 -15.92 10.58 3.59
CA LEU B 112 -16.96 9.95 4.42
C LEU B 112 -17.57 10.91 5.47
N LYS B 113 -16.71 11.75 6.06
CA LYS B 113 -17.11 12.84 6.99
C LYS B 113 -18.05 13.88 6.41
N GLU B 114 -18.07 14.00 5.08
CA GLU B 114 -19.07 14.78 4.35
C GLU B 114 -20.46 14.11 4.25
N ILE B 115 -20.57 12.83 4.57
CA ILE B 115 -21.84 12.10 4.57
C ILE B 115 -22.44 12.02 5.98
N ALA B 116 -21.60 11.73 6.96
CA ALA B 116 -22.02 11.63 8.36
C ALA B 116 -20.80 11.72 9.28
N PRO B 117 -21.04 11.97 10.58
CA PRO B 117 -19.92 11.92 11.51
C PRO B 117 -19.17 10.59 11.35
N THR B 118 -17.83 10.60 11.40
CA THR B 118 -17.01 9.43 11.10
C THR B 118 -15.98 9.18 12.19
N LEU B 119 -16.12 8.03 12.87
CA LEU B 119 -15.31 7.61 14.02
C LEU B 119 -14.28 6.57 13.62
N PHE B 120 -13.02 6.89 13.90
CA PHE B 120 -11.88 6.03 13.78
C PHE B 120 -11.58 5.22 15.05
N VAL B 121 -11.59 3.90 14.92
CA VAL B 121 -11.44 3.01 16.06
C VAL B 121 -10.26 2.05 15.84
N GLY B 122 -9.21 2.53 15.18
CA GLY B 122 -8.11 1.69 14.80
C GLY B 122 -7.33 1.18 16.00
N LEU B 123 -6.80 -0.04 15.88
CA LEU B 123 -5.92 -0.60 16.90
C LEU B 123 -4.56 0.10 16.91
N ASP B 124 -3.96 0.19 18.09
CA ASP B 124 -2.57 0.61 18.20
C ASP B 124 -1.65 -0.57 18.48
N ASN B 125 -0.95 -1.03 17.44
CA ASN B 125 -0.11 -2.22 17.55
C ASN B 125 1.02 -2.12 18.58
N ALA B 126 1.42 -0.92 18.98
CA ALA B 126 2.36 -0.77 20.10
C ALA B 126 1.67 -0.84 21.46
N ASN B 127 0.33 -0.69 21.49
CA ASN B 127 -0.45 -0.71 22.77
C ASN B 127 -1.81 -1.37 22.60
N PHE B 128 -1.77 -2.67 22.33
CA PHE B 128 -2.94 -3.38 21.81
C PHE B 128 -4.07 -3.33 22.80
N LEU B 129 -3.77 -3.71 24.03
CA LEU B 129 -4.82 -4.04 24.99
C LEU B 129 -5.56 -2.80 25.50
N SER B 130 -4.86 -1.70 25.72
CA SER B 130 -5.55 -0.46 26.17
C SER B 130 -6.21 0.26 24.98
N SER B 131 -5.69 -0.01 23.79
CA SER B 131 -6.23 0.51 22.52
C SER B 131 -7.55 -0.20 22.21
N PHE B 132 -7.53 -1.52 22.26
CA PHE B 132 -8.73 -2.38 22.27
C PHE B 132 -9.78 -1.95 23.30
N GLU B 133 -9.37 -1.71 24.56
CA GLU B 133 -10.32 -1.36 25.63
C GLU B 133 -11.00 -0.03 25.30
N ASN B 134 -10.19 0.95 24.95
CA ASN B 134 -10.65 2.26 24.55
C ASN B 134 -11.68 2.21 23.40
N ASN B 135 -11.47 1.35 22.41
CA ASN B 135 -12.39 1.26 21.30
C ASN B 135 -13.76 0.72 21.68
N VAL B 136 -13.74 -0.43 22.33
CA VAL B 136 -14.97 -1.06 22.87
C VAL B 136 -15.75 -0.12 23.79
N LEU B 137 -15.07 0.35 24.81
CA LEU B 137 -15.65 1.27 25.81
C LEU B 137 -16.20 2.57 25.24
N SER B 138 -15.59 3.08 24.17
CA SER B 138 -16.03 4.32 23.55
C SER B 138 -17.35 4.13 22.84
N VAL B 139 -17.37 3.14 21.98
CA VAL B 139 -18.58 2.65 21.36
C VAL B 139 -19.69 2.37 22.36
N ALA B 140 -19.37 1.80 23.52
CA ALA B 140 -20.44 1.33 24.46
C ALA B 140 -21.00 2.49 25.26
N LYS B 141 -20.16 3.51 25.40
CA LYS B 141 -20.52 4.76 26.05
C LYS B 141 -21.57 5.51 25.21
N LEU B 142 -21.48 5.41 23.87
CA LEU B 142 -22.53 5.98 22.95
C LEU B 142 -23.97 5.49 23.22
N TYR B 143 -24.07 4.26 23.76
CA TYR B 143 -25.33 3.58 24.02
C TYR B 143 -25.63 3.34 25.50
N GLY B 144 -24.71 3.76 26.38
CA GLY B 144 -24.90 3.63 27.84
C GLY B 144 -24.49 2.25 28.35
N LEU B 145 -23.80 1.46 27.54
CA LEU B 145 -23.51 0.04 27.84
C LEU B 145 -22.09 -0.26 28.37
N GLU B 146 -21.45 0.66 29.11
CA GLU B 146 -20.11 0.38 29.63
C GLU B 146 -20.11 -0.69 30.71
N LYS B 147 -21.15 -0.79 31.52
CA LYS B 147 -21.30 -1.91 32.47
C LYS B 147 -21.20 -3.28 31.73
N GLU B 148 -21.99 -3.47 30.67
CA GLU B 148 -21.91 -4.69 29.85
C GLU B 148 -20.52 -4.84 29.15
N ALA B 149 -20.01 -3.76 28.57
CA ALA B 149 -18.68 -3.80 27.95
C ALA B 149 -17.54 -4.15 28.91
N LEU B 150 -17.44 -3.39 29.99
CA LEU B 150 -16.40 -3.59 31.00
C LEU B 150 -16.31 -5.02 31.57
N GLU B 151 -17.46 -5.68 31.71
CA GLU B 151 -17.60 -7.08 32.19
C GLU B 151 -17.05 -8.12 31.22
N LYS B 152 -17.26 -7.89 29.92
CA LYS B 152 -16.71 -8.73 28.86
C LYS B 152 -15.24 -8.52 28.68
N ILE B 153 -14.80 -7.27 28.72
CA ILE B 153 -13.38 -6.94 28.74
C ILE B 153 -12.65 -7.68 29.88
N SER B 154 -13.29 -7.70 31.04
CA SER B 154 -12.73 -8.33 32.26
C SER B 154 -12.60 -9.86 32.11
N ASP B 155 -13.57 -10.45 31.42
CA ASP B 155 -13.50 -11.86 31.03
C ASP B 155 -12.38 -12.15 30.03
N ILE B 156 -12.21 -11.27 29.04
CA ILE B 156 -11.06 -11.35 28.13
C ILE B 156 -9.72 -11.28 28.87
N LYS B 157 -9.55 -10.34 29.79
CA LYS B 157 -8.34 -10.30 30.63
C LYS B 157 -8.12 -11.55 31.48
N ASN B 158 -9.19 -12.26 31.83
CA ASN B 158 -9.10 -13.56 32.53
C ASN B 158 -8.62 -14.74 31.68
N GLU B 159 -9.15 -14.86 30.46
CA GLU B 159 -8.66 -15.86 29.48
C GLU B 159 -7.21 -15.56 29.04
N ILE B 160 -6.84 -14.29 28.94
CA ILE B 160 -5.43 -13.91 28.73
C ILE B 160 -4.55 -14.45 29.85
N GLU B 161 -4.83 -14.10 31.09
CA GLU B 161 -4.03 -14.59 32.20
C GLU B 161 -3.94 -16.10 32.20
N LYS B 162 -5.04 -16.81 31.96
CA LYS B 162 -4.90 -18.26 31.97
C LYS B 162 -4.45 -18.88 30.66
N ALA B 163 -4.44 -18.13 29.56
CA ALA B 163 -3.65 -18.55 28.42
C ALA B 163 -2.15 -18.52 28.75
N LYS B 164 -1.69 -17.51 29.48
CA LYS B 164 -0.27 -17.43 29.87
C LYS B 164 0.23 -18.53 30.80
N SER B 165 -0.64 -19.07 31.66
CA SER B 165 -0.28 -20.23 32.48
C SER B 165 0.24 -21.39 31.65
N ILE B 166 -0.53 -21.80 30.65
CA ILE B 166 -0.18 -22.90 29.73
C ILE B 166 1.09 -22.69 28.88
N VAL B 167 1.66 -21.49 28.87
CA VAL B 167 2.75 -21.19 27.97
C VAL B 167 4.11 -21.64 28.55
N ASP B 168 4.83 -22.34 27.69
CA ASP B 168 6.14 -22.85 28.00
C ASP B 168 7.21 -21.86 27.58
N GLU B 169 7.89 -21.28 28.56
CA GLU B 169 8.74 -20.13 28.34
C GLU B 169 10.00 -20.48 27.55
N ASP B 170 10.47 -21.72 27.63
CA ASP B 170 11.65 -22.15 26.83
C ASP B 170 11.32 -22.44 25.37
N LYS B 171 10.11 -22.09 24.93
CA LYS B 171 9.74 -22.28 23.54
C LYS B 171 9.52 -20.93 22.87
N LYS B 172 9.96 -20.87 21.60
CA LYS B 172 9.98 -19.65 20.79
C LYS B 172 9.16 -19.83 19.49
N ALA B 173 8.52 -18.77 19.02
CA ALA B 173 7.62 -18.83 17.86
C ALA B 173 7.97 -17.91 16.68
N LEU B 174 7.55 -18.31 15.48
CA LEU B 174 7.65 -17.46 14.31
C LEU B 174 6.28 -17.23 13.70
N ILE B 175 5.96 -15.97 13.44
CA ILE B 175 4.72 -15.59 12.73
C ILE B 175 5.07 -15.22 11.30
N ILE B 176 4.35 -15.82 10.36
CA ILE B 176 4.64 -15.62 8.94
C ILE B 176 3.35 -15.39 8.15
N LEU B 177 3.46 -14.59 7.09
CA LEU B 177 2.30 -14.28 6.26
C LEU B 177 2.54 -14.72 4.81
N THR B 178 1.61 -15.52 4.29
CA THR B 178 1.78 -16.13 2.97
C THR B 178 0.99 -15.37 1.91
N ASN B 179 1.68 -15.01 0.83
CA ASN B 179 1.09 -14.13 -0.19
C ASN B 179 1.62 -14.60 -1.54
N SER B 180 0.73 -15.11 -2.40
CA SER B 180 1.14 -15.88 -3.57
C SER B 180 2.02 -16.99 -3.02
N ASN B 181 3.18 -17.24 -3.63
CA ASN B 181 4.16 -18.18 -3.07
C ASN B 181 5.27 -17.54 -2.17
N LYS B 182 5.05 -16.34 -1.67
CA LYS B 182 6.09 -15.61 -0.94
C LYS B 182 5.75 -15.59 0.55
N ILE B 183 6.78 -15.53 1.38
CA ILE B 183 6.64 -15.58 2.84
C ILE B 183 7.18 -14.31 3.51
N SER B 184 6.53 -13.88 4.56
CA SER B 184 6.98 -12.69 5.30
C SER B 184 6.82 -12.90 6.80
N ALA B 185 7.82 -12.43 7.55
CA ALA B 185 7.82 -12.54 8.98
C ALA B 185 7.29 -11.26 9.65
N PHE B 186 6.50 -11.44 10.72
CA PHE B 186 5.97 -10.38 11.60
C PHE B 186 6.43 -10.68 13.03
N GLY B 187 6.54 -9.65 13.85
CA GLY B 187 7.08 -9.77 15.17
C GLY B 187 6.25 -9.03 16.20
N PRO B 188 6.89 -8.69 17.32
CA PRO B 188 6.36 -7.86 18.40
C PRO B 188 5.91 -6.48 17.93
N GLN B 189 4.68 -6.16 18.32
CA GLN B 189 4.07 -4.89 18.00
C GLN B 189 3.70 -4.73 16.51
N SER B 190 3.79 -5.78 15.71
CA SER B 190 3.18 -5.84 14.39
C SER B 190 1.66 -5.97 14.53
N ARG B 191 0.99 -6.20 13.40
CA ARG B 191 -0.47 -6.31 13.41
C ARG B 191 -0.97 -7.63 13.94
N PHE B 192 -0.07 -8.62 14.07
CA PHE B 192 -0.33 -9.95 14.68
C PHE B 192 0.40 -10.16 16.02
N GLY B 193 0.89 -9.09 16.65
CA GLY B 193 1.89 -9.19 17.72
C GLY B 193 1.36 -9.59 19.08
N ILE B 194 0.04 -9.56 19.21
CA ILE B 194 -0.75 -10.08 20.32
C ILE B 194 -0.22 -11.45 20.83
N ILE B 195 0.12 -12.36 19.91
CA ILE B 195 0.77 -13.66 20.21
C ILE B 195 2.02 -13.48 21.09
N HIS B 196 2.79 -12.44 20.81
CA HIS B 196 4.02 -12.16 21.53
C HIS B 196 3.80 -11.18 22.73
N ASP B 197 3.08 -10.09 22.50
CA ASP B 197 2.99 -9.02 23.49
C ASP B 197 1.98 -9.28 24.60
N VAL B 198 0.79 -9.78 24.23
CA VAL B 198 -0.31 -10.04 25.16
C VAL B 198 -0.22 -11.44 25.78
N LEU B 199 0.04 -12.44 24.93
CA LEU B 199 0.05 -13.84 25.37
C LEU B 199 1.41 -14.38 25.78
N GLY B 200 2.47 -13.58 25.59
CA GLY B 200 3.79 -13.83 26.22
C GLY B 200 4.66 -14.90 25.60
N ILE B 201 4.28 -15.31 24.40
CA ILE B 201 5.01 -16.35 23.66
C ILE B 201 6.28 -15.72 23.07
N ASN B 202 7.43 -16.32 23.33
CA ASN B 202 8.67 -15.76 22.85
C ASN B 202 8.77 -15.80 21.34
N ALA B 203 9.52 -14.82 20.83
CA ALA B 203 9.80 -14.65 19.43
C ALA B 203 11.12 -15.29 19.19
N VAL B 204 11.22 -16.14 18.16
CA VAL B 204 12.47 -16.78 17.79
C VAL B 204 13.47 -15.74 17.25
N ASP B 205 12.95 -14.67 16.66
CA ASP B 205 13.75 -13.54 16.18
C ASP B 205 13.17 -12.22 16.69
N GLU B 206 14.05 -11.35 17.15
CA GLU B 206 13.64 -10.04 17.63
C GLU B 206 14.45 -8.90 16.99
N ASN B 207 14.91 -9.11 15.76
CA ASN B 207 15.38 -8.01 14.93
C ASN B 207 14.31 -7.63 13.89
N ILE B 208 13.14 -8.26 13.97
CA ILE B 208 12.01 -7.94 13.09
C ILE B 208 11.19 -6.82 13.73
N LYS B 209 11.20 -5.65 13.07
CA LYS B 209 10.35 -4.51 13.41
C LYS B 209 9.62 -3.95 12.17
N VAL B 210 8.44 -3.35 12.38
CA VAL B 210 7.76 -2.49 11.38
C VAL B 210 7.53 -3.12 9.98
N GLY B 214 6.09 -5.76 6.96
CA GLY B 214 6.60 -7.10 7.32
C GLY B 214 7.79 -7.58 6.52
N LYS B 215 8.55 -8.52 7.07
CA LYS B 215 9.87 -8.86 6.52
C LYS B 215 9.86 -10.05 5.57
N SER B 216 10.44 -9.86 4.40
CA SER B 216 10.45 -10.87 3.35
C SER B 216 11.47 -11.96 3.67
N ILE B 217 11.03 -13.23 3.74
CA ILE B 217 11.91 -14.36 4.08
C ILE B 217 11.75 -15.57 3.15
N ASN B 218 12.49 -16.63 3.45
CA ASN B 218 12.39 -17.93 2.73
C ASN B 218 12.53 -19.06 3.73
N SER B 219 12.43 -20.29 3.24
CA SER B 219 12.52 -21.49 4.09
C SER B 219 13.88 -21.78 4.69
N GLU B 220 14.97 -21.34 4.06
CA GLU B 220 16.27 -21.54 4.72
C GLU B 220 16.37 -20.65 5.97
N PHE B 221 15.69 -19.49 5.95
CA PHE B 221 15.58 -18.63 7.13
C PHE B 221 14.81 -19.31 8.27
N ILE B 222 13.66 -19.88 7.93
CA ILE B 222 12.85 -20.68 8.86
C ILE B 222 13.64 -21.83 9.56
N LEU B 223 14.31 -22.67 8.79
CA LEU B 223 15.18 -23.72 9.36
C LEU B 223 16.36 -23.20 10.20
N GLU B 224 16.96 -22.09 9.76
CA GLU B 224 18.05 -21.43 10.51
C GLU B 224 17.57 -20.97 11.91
N LYS B 225 16.36 -20.44 11.98
CA LYS B 225 15.77 -20.06 13.26
C LYS B 225 15.27 -21.26 14.08
N ASN B 226 14.88 -22.32 13.38
CA ASN B 226 14.37 -23.56 13.99
C ASN B 226 13.31 -23.32 15.11
N PRO B 227 12.22 -22.61 14.78
CA PRO B 227 11.17 -22.35 15.76
C PRO B 227 10.45 -23.62 16.24
N ASP B 228 9.96 -23.57 17.48
CA ASP B 228 9.20 -24.65 18.06
C ASP B 228 7.76 -24.61 17.54
N TYR B 229 7.24 -23.40 17.30
CA TYR B 229 5.90 -23.15 16.67
C TYR B 229 6.01 -22.19 15.48
N ILE B 230 5.16 -22.41 14.49
CA ILE B 230 5.05 -21.51 13.39
C ILE B 230 3.59 -21.15 13.29
N PHE B 231 3.29 -19.87 13.48
CA PHE B 231 1.95 -19.35 13.29
C PHE B 231 1.85 -18.73 11.92
N VAL B 232 0.89 -19.26 11.14
CA VAL B 232 0.78 -18.93 9.75
C VAL B 232 -0.58 -18.30 9.48
N VAL B 233 -0.52 -17.15 8.78
CA VAL B 233 -1.69 -16.41 8.32
C VAL B 233 -1.69 -16.41 6.77
N ASP B 234 -2.69 -17.02 6.16
CA ASP B 234 -2.69 -17.14 4.69
C ASP B 234 -3.49 -16.06 4.02
N ARG B 235 -2.78 -15.06 3.49
CA ARG B 235 -3.39 -13.94 2.79
C ARG B 235 -4.10 -14.36 1.46
N ASN B 236 -3.69 -15.55 0.91
CA ASN B 236 -4.14 -16.07 -0.39
C ASN B 236 -5.62 -16.26 -0.50
N VAL B 237 -6.24 -16.69 0.58
CA VAL B 237 -7.70 -16.84 0.56
C VAL B 237 -8.39 -15.49 0.36
N ILE B 238 -8.21 -14.58 1.34
CA ILE B 238 -8.85 -13.23 1.33
C ILE B 238 -8.75 -12.67 -0.05
N LEU B 239 -7.57 -12.80 -0.66
CA LEU B 239 -7.25 -12.23 -1.97
C LEU B 239 -7.75 -13.05 -3.15
N GLY B 240 -8.12 -14.29 -2.92
CA GLY B 240 -8.71 -15.11 -3.99
C GLY B 240 -7.72 -15.86 -4.87
N ASN B 241 -6.44 -15.94 -4.46
CA ASN B 241 -5.41 -16.74 -5.16
C ASN B 241 -5.69 -18.23 -4.99
N LYS B 242 -5.06 -19.02 -5.89
CA LYS B 242 -5.11 -20.49 -5.86
C LYS B 242 -4.02 -21.15 -4.96
N GLU B 243 -2.94 -20.43 -4.69
CA GLU B 243 -1.83 -20.95 -3.93
C GLU B 243 -2.25 -20.96 -2.50
N ARG B 244 -1.68 -21.93 -1.77
CA ARG B 244 -2.02 -22.17 -0.39
C ARG B 244 -0.77 -22.33 0.48
N ALA B 245 -0.84 -21.78 1.70
CA ALA B 245 0.27 -21.89 2.70
C ALA B 245 0.67 -23.32 2.95
N GLN B 246 -0.33 -24.20 3.00
CA GLN B 246 -0.09 -25.63 3.18
C GLN B 246 0.86 -26.16 2.11
N GLY B 247 0.57 -25.98 0.82
CA GLY B 247 1.52 -26.31 -0.25
C GLY B 247 2.92 -25.69 -0.17
N ILE B 248 2.98 -24.41 0.15
CA ILE B 248 4.22 -23.64 0.18
C ILE B 248 5.16 -24.13 1.28
N LEU B 249 4.60 -24.43 2.44
CA LEU B 249 5.41 -24.89 3.57
C LEU B 249 5.64 -26.40 3.56
N ASP B 250 5.20 -27.09 2.53
CA ASP B 250 5.50 -28.51 2.37
C ASP B 250 6.83 -28.64 1.63
N ASN B 251 7.92 -28.28 2.29
CA ASN B 251 9.26 -28.48 1.72
C ASN B 251 10.17 -29.07 2.78
N ALA B 252 11.33 -29.54 2.36
CA ALA B 252 12.24 -30.31 3.20
C ALA B 252 13.09 -29.45 4.12
N LEU B 253 13.25 -28.18 3.80
CA LEU B 253 13.76 -27.23 4.76
C LEU B 253 12.79 -27.05 5.96
N VAL B 254 11.53 -26.79 5.65
CA VAL B 254 10.49 -26.62 6.64
C VAL B 254 10.27 -27.90 7.46
N ALA B 255 10.23 -29.04 6.78
CA ALA B 255 9.99 -30.33 7.45
C ALA B 255 11.04 -30.70 8.52
N LYS B 256 12.24 -30.12 8.40
CA LYS B 256 13.34 -30.36 9.35
C LYS B 256 13.19 -29.58 10.66
N THR B 257 12.48 -28.45 10.64
CA THR B 257 12.26 -27.67 11.87
C THR B 257 11.52 -28.47 12.94
N LYS B 258 11.87 -28.18 14.20
CA LYS B 258 11.14 -28.63 15.40
C LYS B 258 9.62 -28.47 15.28
N ALA B 259 9.19 -27.31 14.78
CA ALA B 259 7.79 -27.05 14.51
C ALA B 259 7.17 -28.10 13.59
N ALA B 260 7.83 -28.43 12.51
CA ALA B 260 7.29 -29.41 11.60
C ALA B 260 7.21 -30.80 12.25
N GLN B 261 8.35 -31.23 12.83
CA GLN B 261 8.51 -32.52 13.54
C GLN B 261 7.59 -32.79 14.73
N ASN B 262 7.11 -31.72 15.35
CA ASN B 262 6.14 -31.80 16.43
C ASN B 262 4.75 -31.38 16.01
N LYS B 263 4.51 -31.27 14.69
CA LYS B 263 3.20 -30.80 14.15
C LYS B 263 2.67 -29.48 14.77
N LYS B 264 3.58 -28.52 14.93
CA LYS B 264 3.23 -27.24 15.53
C LYS B 264 3.31 -26.10 14.51
N ILE B 265 2.98 -26.45 13.27
CA ILE B 265 2.73 -25.46 12.23
C ILE B 265 1.24 -25.23 12.23
N ILE B 266 0.87 -24.03 12.70
CA ILE B 266 -0.50 -23.62 13.01
C ILE B 266 -1.03 -22.64 11.99
N TYR B 267 -2.10 -23.03 11.33
CA TYR B 267 -2.74 -22.19 10.37
C TYR B 267 -3.82 -21.41 11.11
N LEU B 268 -3.53 -20.15 11.38
CA LEU B 268 -4.46 -19.30 12.08
C LEU B 268 -5.54 -18.87 11.09
N ASP B 269 -6.77 -18.70 11.60
CA ASP B 269 -7.91 -18.30 10.76
C ASP B 269 -7.78 -16.81 10.27
N PRO B 270 -7.62 -16.58 8.96
CA PRO B 270 -7.34 -15.23 8.47
C PRO B 270 -8.53 -14.24 8.57
N GLU B 271 -9.76 -14.75 8.65
CA GLU B 271 -10.91 -13.89 8.83
C GLU B 271 -10.88 -13.20 10.18
N TYR B 272 -10.17 -13.81 11.12
CA TYR B 272 -10.01 -13.24 12.47
C TYR B 272 -8.74 -12.41 12.58
N TRP B 273 -7.63 -12.99 12.12
CA TRP B 273 -6.29 -12.44 12.33
C TRP B 273 -5.94 -11.34 11.33
N TYR B 274 -6.52 -11.40 10.13
CA TYR B 274 -6.16 -10.44 9.07
C TYR B 274 -7.30 -9.45 8.78
N LEU B 275 -8.56 -9.91 8.84
CA LEU B 275 -9.71 -9.03 8.56
C LEU B 275 -10.29 -8.24 9.75
N ALA B 276 -10.72 -8.90 10.81
CA ALA B 276 -11.14 -8.19 12.03
C ALA B 276 -9.93 -7.65 12.82
N SER B 277 -8.78 -8.30 12.64
CA SER B 277 -7.55 -8.01 13.38
C SER B 277 -7.64 -7.96 14.94
N GLY B 278 -8.64 -8.64 15.54
CA GLY B 278 -8.76 -8.71 17.01
C GLY B 278 -9.44 -7.51 17.63
N ASN B 279 -9.97 -6.65 16.80
CA ASN B 279 -10.56 -5.40 17.30
C ASN B 279 -12.06 -5.58 17.66
N GLY B 280 -12.39 -6.64 18.38
CA GLY B 280 -13.73 -6.87 18.85
C GLY B 280 -13.85 -7.89 19.97
N LEU B 281 -14.97 -7.80 20.69
CA LEU B 281 -15.17 -8.60 21.88
C LEU B 281 -15.18 -10.11 21.59
N GLU B 282 -15.78 -10.49 20.48
CA GLU B 282 -15.97 -11.91 20.09
C GLU B 282 -14.76 -12.40 19.34
N SER B 283 -14.30 -11.64 18.36
CA SER B 283 -13.03 -11.96 17.68
C SER B 283 -11.84 -12.18 18.63
N LEU B 284 -11.57 -11.31 19.59
CA LEU B 284 -10.38 -11.48 20.42
C LEU B 284 -10.47 -12.69 21.35
N LYS B 285 -11.60 -12.86 22.02
CA LYS B 285 -11.78 -14.03 22.84
C LYS B 285 -11.56 -15.34 22.06
N THR B 286 -12.03 -15.38 20.82
CA THR B 286 -11.86 -16.59 19.98
C THR B 286 -10.40 -16.84 19.55
N MET B 287 -9.71 -15.81 19.12
CA MET B 287 -8.28 -15.86 18.83
C MET B 287 -7.40 -16.28 20.03
N ILE B 288 -7.67 -15.70 21.20
CA ILE B 288 -6.95 -16.09 22.43
C ILE B 288 -7.04 -17.60 22.69
N LEU B 289 -8.24 -18.16 22.52
CA LEU B 289 -8.46 -19.58 22.67
C LEU B 289 -7.86 -20.42 21.54
N GLU B 290 -7.83 -19.89 20.33
CA GLU B 290 -7.16 -20.52 19.20
C GLU B 290 -5.67 -20.80 19.48
N ILE B 291 -4.95 -19.79 19.97
CA ILE B 291 -3.53 -19.90 20.37
C ILE B 291 -3.37 -20.79 21.58
N LYS B 292 -4.18 -20.58 22.59
CA LYS B 292 -4.16 -21.44 23.78
C LYS B 292 -4.12 -22.95 23.44
N ASN B 293 -5.08 -23.36 22.63
CA ASN B 293 -5.27 -24.73 22.28
C ASN B 293 -4.15 -25.26 21.42
N ALA B 294 -3.50 -24.41 20.64
CA ALA B 294 -2.43 -24.88 19.74
C ALA B 294 -1.09 -25.00 20.44
N VAL B 295 -0.92 -24.19 21.48
CA VAL B 295 0.32 -24.08 22.20
C VAL B 295 0.43 -25.13 23.32
N LYS B 296 -0.66 -25.83 23.64
CA LYS B 296 -0.59 -26.81 24.76
C LYS B 296 0.58 -27.82 24.55
ZN ZN C . 19.37 13.47 -31.52
O20 ECA D . 3.12 3.60 -5.57
C17 ECA D . 3.00 2.29 -5.64
C18 ECA D . 1.80 1.69 -5.26
O19 ECA D . 0.80 2.44 -4.89
C16 ECA D . 4.06 1.49 -6.09
C15 ECA D . 3.90 0.11 -6.15
C14 ECA D . 2.68 -0.46 -5.81
C13 ECA D . 1.64 0.32 -5.33
C11 ECA D . 0.32 -0.31 -4.90
O12 ECA D . 0.10 -1.47 -5.27
N10 ECA D . -0.58 0.39 -4.15
C9 ECA D . -1.89 -0.15 -3.84
C2 ECA D . -1.80 -1.31 -2.87
C1 ECA D . -0.77 -1.34 -1.95
C3 ECA D . -2.68 -2.35 -2.93
C4 ECA D . -2.58 -3.42 -2.06
C8 ECA D . -3.58 -4.53 -2.21
N21 ECA D . -3.95 -5.20 -0.95
C22 ECA D . -5.06 -5.94 -0.88
O23 ECA D . -5.68 -6.22 -1.94
C24 ECA D . -5.65 -6.23 0.48
C25 ECA D . -6.92 -6.82 0.55
C26 ECA D . -7.59 -7.05 1.77
C27 ECA D . -6.97 -6.69 2.96
C28 ECA D . -5.74 -6.09 2.87
O31 ECA D . -5.17 -5.73 3.96
C29 ECA D . -5.07 -5.84 1.68
O30 ECA D . -3.86 -5.27 1.77
C5 ECA D . -1.57 -3.44 -1.11
C6 ECA D . -0.67 -2.39 -1.07
C7 ECA D . 0.44 -2.31 -0.10
N32 ECA D . 0.25 -3.18 1.04
C33 ECA D . 0.88 -4.33 1.19
O34 ECA D . 1.67 -4.64 0.31
C35 ECA D . 0.50 -5.35 2.28
C36 ECA D . 1.30 -6.48 2.57
C37 ECA D . 0.89 -7.44 3.52
C38 ECA D . -0.33 -7.36 4.19
C39 ECA D . -1.13 -6.28 3.86
O42 ECA D . -2.31 -6.07 4.41
C40 ECA D . -0.71 -5.31 2.94
O41 ECA D . -1.58 -4.36 2.76
O20 ECA E . -3.29 -3.63 5.40
C17 ECA E . -3.64 -2.34 5.26
C18 ECA E . -3.89 -1.85 3.99
O19 ECA E . -3.79 -2.72 3.00
C16 ECA E . -3.67 -1.48 6.32
C15 ECA E . -3.98 -0.13 6.11
C14 ECA E . -4.26 0.33 4.84
C13 ECA E . -4.20 -0.52 3.76
C11 ECA E . -4.42 0.03 2.36
O12 ECA E . -4.95 1.13 2.23
N10 ECA E . -4.01 -0.69 1.28
C9 ECA E . -4.31 -0.29 -0.09
C2 ECA E . -3.50 0.93 -0.47
C1 ECA E . -4.00 1.84 -1.34
C3 ECA E . -2.27 1.12 0.09
C4 ECA E . -1.52 2.21 -0.24
C8 ECA E . -0.16 2.33 0.39
N21 ECA E . 0.67 3.22 -0.39
C22 ECA E . 0.97 4.46 0.02
O23 ECA E . 0.57 4.88 1.09
C24 ECA E . 1.75 5.43 -0.84
C25 ECA E . 2.41 6.56 -0.29
C26 ECA E . 3.08 7.44 -1.13
C27 ECA E . 3.07 7.27 -2.52
C28 ECA E . 2.38 6.17 -3.03
O31 ECA E . 2.29 5.90 -4.32
C29 ECA E . 1.75 5.28 -2.20
O30 ECA E . 1.09 4.28 -2.76
C5 ECA E . -2.02 3.16 -1.13
C6 ECA E . -3.26 2.95 -1.69
C7 ECA E . -3.89 3.91 -2.64
N32 ECA E . -2.98 4.62 -3.54
C33 ECA E . -3.50 5.21 -4.64
O34 ECA E . -4.71 5.30 -4.82
C35 ECA E . -2.60 5.56 -5.79
C36 ECA E . -3.21 6.04 -6.96
C37 ECA E . -2.44 6.30 -8.09
C38 ECA E . -1.07 6.05 -8.06
C39 ECA E . -0.49 5.54 -6.90
O42 ECA E . 0.79 5.31 -6.83
C40 ECA E . -1.24 5.30 -5.77
O41 ECA E . -0.59 4.83 -4.72
FE FE F . -3.29 -4.71 3.61
FE FE G . 1.37 4.54 -4.89
ZN ZN H . -18.78 -12.73 32.29
#